data_4ONI
#
_entry.id   4ONI
#
_cell.length_a   63.867
_cell.length_b   59.856
_cell.length_c   73.940
_cell.angle_alpha   90.000
_cell.angle_beta   93.860
_cell.angle_gamma   90.000
#
_symmetry.space_group_name_H-M   'P 1 21 1'
#
loop_
_entity.id
_entity.type
_entity.pdbx_description
1 polymer 'Nuclear receptor subfamily 5 group A member 2'
2 polymer 'Nuclear receptor subfamily 0 group B member 2'
3 non-polymer L-ALPHA-PHOSPHATIDYL-BETA-OLEOYL-GAMMA-PALMITOYL-PHOSPHATIDYLETHANOLAMINE
4 non-polymer GLYCEROL
5 non-polymer '(2S)-3-{[{[(2S)-2,3-DIHYDROXYPROPYL]OXY}(HYDROXY)PHOSPHORYL]OXY}-2-[(6E)-HEXADEC-6-ENOYLOXY]PROPYL (8E)-OCTADEC-8-ENOATE'
6 non-polymer 'TETRAETHYLENE GLYCOL'
7 water water
#
loop_
_entity_poly.entity_id
_entity_poly.type
_entity_poly.pdbx_seq_one_letter_code
_entity_poly.pdbx_strand_id
1 'polypeptide(L)'
;SNDSYQTSSPASIPHLILELLKCEPDEPQVQAKIMAYLQQEQANRSKHEKLSTFGLMCKMADQTLFSIVEWARSSIFFRE
LKVDDQMKLLQNCWSELLILDHIYRQVVHGKEGSIFLVTGQQVDYSIIASQAGATLNNLMSHAQELVAKLRSLQFDQREF
VCLKFLVLFSLDVKNLENFQLVEGVQEQVNAALLDYTMCNYPQQTEKFGQLLLRLPEIRAISMQAEEYLYYKHLNGDVPY
NNLLIEMLHAKRA
;
A,B
2 'polypeptide(L)' QGAASRPAILYALLSSSLK C,D
#
loop_
_chem_comp.id
_chem_comp.type
_chem_comp.name
_chem_comp.formula
EPH non-polymer L-ALPHA-PHOSPHATIDYL-BETA-OLEOYL-GAMMA-PALMITOYL-PHOSPHATIDYLETHANOLAMINE 'C39 H68 N O8 P'
GOL non-polymer GLYCEROL 'C3 H8 O3'
P6L non-polymer '(2S)-3-{[{[(2S)-2,3-DIHYDROXYPROPYL]OXY}(HYDROXY)PHOSPHORYL]OXY}-2-[(6E)-HEXADEC-6-ENOYLOXY]PROPYL (8E)-OCTADEC-8-ENOATE' 'C40 H75 O10 P'
PG4 non-polymer 'TETRAETHYLENE GLYCOL' 'C8 H18 O5'
#
# COMPACT_ATOMS: atom_id res chain seq x y z
N ALA A 11 -1.22 1.70 -16.90
CA ALA A 11 -0.65 2.70 -15.92
C ALA A 11 0.55 2.12 -15.20
N SER A 12 1.70 2.82 -15.24
N SER A 12 1.65 2.91 -15.17
CA SER A 12 2.74 2.55 -14.26
CA SER A 12 2.82 2.74 -14.28
C SER A 12 2.22 3.16 -12.95
C SER A 12 2.55 3.29 -12.86
N ILE A 13 2.38 2.41 -11.87
CA ILE A 13 1.87 2.84 -10.57
C ILE A 13 2.95 2.75 -9.47
N PRO A 14 3.24 3.88 -8.77
CA PRO A 14 4.08 3.82 -7.63
C PRO A 14 3.63 2.77 -6.66
N HIS A 15 4.58 2.04 -6.08
CA HIS A 15 4.22 1.05 -5.17
C HIS A 15 3.40 1.55 -3.95
N LEU A 16 3.71 2.74 -3.48
CA LEU A 16 2.89 3.33 -2.41
C LEU A 16 1.42 3.40 -2.81
N ILE A 17 1.11 3.80 -4.05
CA ILE A 17 -0.23 3.92 -4.49
C ILE A 17 -0.90 2.55 -4.60
N LEU A 18 -0.15 1.55 -5.04
CA LEU A 18 -0.66 0.20 -4.92
C LEU A 18 -1.08 -0.20 -3.50
N GLU A 19 -0.35 0.19 -2.49
CA GLU A 19 -0.69 -0.05 -1.09
C GLU A 19 -2.01 0.70 -0.76
N LEU A 20 -2.11 1.93 -1.21
CA LEU A 20 -3.31 2.70 -0.95
C LEU A 20 -4.51 2.08 -1.59
N LEU A 21 -4.37 1.46 -2.76
CA LEU A 21 -5.49 0.99 -3.52
C LEU A 21 -6.10 -0.29 -2.90
N LYS A 22 -5.32 -0.96 -2.05
CA LYS A 22 -5.69 -2.27 -1.48
C LYS A 22 -6.92 -2.24 -0.67
N CYS A 23 -7.32 -1.09 -0.08
CA CYS A 23 -8.66 -1.07 0.58
C CYS A 23 -9.77 -0.42 -0.15
N GLU A 24 -9.66 -0.32 -1.45
CA GLU A 24 -10.78 0.16 -2.20
C GLU A 24 -11.87 -0.93 -2.26
N PRO A 25 -13.15 -0.53 -2.16
CA PRO A 25 -14.28 -1.46 -2.30
C PRO A 25 -14.61 -1.80 -3.75
N ASP A 26 -15.41 -2.82 -3.97
CA ASP A 26 -15.99 -3.09 -5.28
C ASP A 26 -17.13 -2.11 -5.28
N GLU A 27 -16.98 -1.05 -6.10
CA GLU A 27 -17.95 0.03 -6.13
C GLU A 27 -19.35 -0.37 -6.51
N PRO A 28 -19.54 -1.12 -7.61
CA PRO A 28 -20.90 -1.49 -7.90
C PRO A 28 -21.54 -2.41 -6.83
N GLN A 29 -20.77 -3.16 -6.09
CA GLN A 29 -21.32 -4.01 -5.02
C GLN A 29 -21.81 -3.13 -3.88
N VAL A 30 -20.99 -2.17 -3.50
CA VAL A 30 -21.42 -1.23 -2.48
C VAL A 30 -22.66 -0.41 -2.88
N GLN A 31 -22.73 0.00 -4.13
CA GLN A 31 -23.90 0.72 -4.62
C GLN A 31 -25.17 -0.15 -4.42
N ALA A 32 -25.05 -1.40 -4.85
CA ALA A 32 -26.16 -2.33 -4.72
C ALA A 32 -26.51 -2.63 -3.26
N LYS A 33 -25.53 -2.76 -2.41
CA LYS A 33 -25.80 -3.01 -0.98
C LYS A 33 -26.57 -1.83 -0.34
N ILE A 34 -26.16 -0.62 -0.68
CA ILE A 34 -26.85 0.54 -0.18
C ILE A 34 -28.32 0.68 -0.70
N MET A 35 -28.52 0.38 -1.97
CA MET A 35 -29.81 0.41 -2.62
C MET A 35 -30.66 -0.63 -1.92
N ALA A 36 -30.11 -1.81 -1.70
CA ALA A 36 -30.87 -2.92 -1.03
C ALA A 36 -31.25 -2.51 0.42
N TYR A 37 -30.33 -1.82 1.08
CA TYR A 37 -30.58 -1.31 2.44
C TYR A 37 -31.76 -0.34 2.47
N LEU A 38 -31.75 0.64 1.58
CA LEU A 38 -32.81 1.62 1.53
C LEU A 38 -34.14 0.97 1.15
N GLN A 39 -34.10 -0.01 0.25
CA GLN A 39 -35.34 -0.71 -0.12
C GLN A 39 -35.90 -1.48 1.09
N GLN A 40 -35.06 -2.12 1.85
CA GLN A 40 -35.44 -2.84 3.11
C GLN A 40 -35.99 -1.82 4.19
N GLU A 41 -35.37 -0.66 4.31
CA GLU A 41 -35.86 0.40 5.21
C GLU A 41 -37.27 0.74 4.84
N GLN A 42 -37.52 0.98 3.55
CA GLN A 42 -38.86 1.37 3.13
C GLN A 42 -39.86 0.20 3.26
N ALA A 43 -39.42 -0.99 2.90
CA ALA A 43 -40.27 -2.15 3.14
C ALA A 43 -40.60 -2.42 4.61
N ASN A 44 -39.75 -2.08 5.57
CA ASN A 44 -40.06 -2.30 6.96
C ASN A 44 -41.19 -1.35 7.38
N ARG A 45 -41.56 -0.36 6.55
CA ARG A 45 -42.42 0.76 6.95
C ARG A 45 -43.79 0.60 6.29
N SER A 46 -44.85 0.89 7.03
CA SER A 46 -46.18 0.90 6.45
C SER A 46 -46.31 1.99 5.39
N LYS A 47 -47.32 1.71 4.57
CA LYS A 47 -47.76 2.49 3.45
C LYS A 47 -47.71 3.94 3.81
N HIS A 48 -48.01 4.28 5.06
CA HIS A 48 -48.10 5.67 5.45
C HIS A 48 -46.91 6.26 6.24
N GLU A 49 -45.99 5.40 6.72
CA GLU A 49 -44.81 5.81 7.55
C GLU A 49 -43.46 5.76 6.81
N LYS A 50 -43.57 5.67 5.51
CA LYS A 50 -42.44 5.60 4.63
C LYS A 50 -41.59 6.86 4.87
N LEU A 51 -40.30 6.74 4.67
CA LEU A 51 -39.50 7.93 4.80
C LEU A 51 -39.77 8.86 3.62
N SER A 52 -39.64 10.16 3.86
CA SER A 52 -39.58 11.17 2.84
C SER A 52 -38.37 11.02 1.96
N THR A 53 -38.44 11.70 0.81
CA THR A 53 -37.27 11.74 -0.07
C THR A 53 -36.06 12.26 0.69
N PHE A 54 -36.23 13.34 1.40
CA PHE A 54 -35.11 13.98 2.07
C PHE A 54 -34.56 13.00 3.12
N GLY A 55 -35.46 12.31 3.84
CA GLY A 55 -34.99 11.37 4.90
C GLY A 55 -34.24 10.19 4.24
N LEU A 56 -34.74 9.71 3.11
CA LEU A 56 -34.10 8.61 2.41
C LEU A 56 -32.70 9.04 1.95
N MET A 57 -32.59 10.25 1.45
CA MET A 57 -31.31 10.72 0.98
C MET A 57 -30.34 10.89 2.15
N CYS A 58 -30.84 11.35 3.32
CA CYS A 58 -30.00 11.33 4.52
C CYS A 58 -29.51 9.92 4.91
N LYS A 59 -30.35 8.90 4.84
CA LYS A 59 -29.93 7.56 5.24
C LYS A 59 -28.97 7.00 4.17
N MET A 60 -29.10 7.44 2.97
CA MET A 60 -28.13 7.04 1.91
C MET A 60 -26.76 7.63 2.23
N ALA A 61 -26.73 8.91 2.60
CA ALA A 61 -25.44 9.56 3.01
C ALA A 61 -24.89 8.88 4.28
N ASP A 62 -25.75 8.53 5.23
CA ASP A 62 -25.37 7.78 6.42
C ASP A 62 -24.68 6.47 6.08
N GLN A 63 -25.31 5.70 5.23
CA GLN A 63 -24.71 4.42 4.80
C GLN A 63 -23.36 4.61 4.08
N THR A 64 -23.28 5.63 3.27
CA THR A 64 -22.02 6.01 2.58
C THR A 64 -20.96 6.29 3.63
N LEU A 65 -21.29 7.07 4.65
CA LEU A 65 -20.34 7.36 5.72
C LEU A 65 -19.89 6.08 6.43
N PHE A 66 -20.79 5.10 6.68
CA PHE A 66 -20.35 3.85 7.24
C PHE A 66 -19.31 3.18 6.40
N SER A 67 -19.53 3.24 5.10
CA SER A 67 -18.62 2.60 4.16
C SER A 67 -17.26 3.33 4.14
N ILE A 68 -17.34 4.65 4.22
CA ILE A 68 -16.09 5.46 4.42
C ILE A 68 -15.29 5.12 5.70
N VAL A 69 -15.98 5.04 6.84
CA VAL A 69 -15.36 4.67 8.07
C VAL A 69 -14.74 3.27 7.93
N GLU A 70 -15.46 2.32 7.32
CA GLU A 70 -14.88 0.96 7.13
C GLU A 70 -13.64 1.03 6.24
N TRP A 71 -13.70 1.81 5.18
CA TRP A 71 -12.50 2.07 4.38
C TRP A 71 -11.32 2.58 5.22
N ALA A 72 -11.51 3.63 6.02
CA ALA A 72 -10.41 4.27 6.73
C ALA A 72 -9.86 3.26 7.76
N ARG A 73 -10.75 2.59 8.51
CA ARG A 73 -10.29 1.80 9.68
C ARG A 73 -9.45 0.63 9.28
N SER A 74 -9.65 0.17 8.08
CA SER A 74 -8.89 -0.91 7.50
C SER A 74 -7.68 -0.51 6.68
N SER A 75 -7.53 0.76 6.38
CA SER A 75 -6.46 1.28 5.54
C SER A 75 -5.13 1.24 6.19
N ILE A 76 -4.13 0.95 5.35
CA ILE A 76 -2.74 1.11 5.72
C ILE A 76 -2.55 2.52 6.33
N PHE A 77 -1.68 2.56 7.34
CA PHE A 77 -1.30 3.78 8.07
C PHE A 77 -2.36 4.15 9.10
N PHE A 78 -3.56 4.43 8.63
CA PHE A 78 -4.64 4.85 9.51
C PHE A 78 -4.88 3.80 10.60
N ARG A 79 -4.81 2.54 10.23
CA ARG A 79 -5.06 1.48 11.16
C ARG A 79 -4.01 1.34 12.26
N GLU A 80 -2.85 2.00 12.15
CA GLU A 80 -1.89 2.00 13.20
C GLU A 80 -2.11 3.15 14.23
N LEU A 81 -2.97 4.07 13.96
CA LEU A 81 -3.22 5.15 14.90
C LEU A 81 -4.08 4.65 16.08
N LYS A 82 -3.89 5.24 17.26
CA LYS A 82 -4.78 5.07 18.37
C LYS A 82 -6.18 5.54 18.00
N VAL A 83 -7.19 4.93 18.67
CA VAL A 83 -8.55 5.32 18.42
C VAL A 83 -8.76 6.83 18.54
N ASP A 84 -8.16 7.46 19.54
CA ASP A 84 -8.48 8.87 19.74
C ASP A 84 -7.87 9.73 18.63
N ASP A 85 -6.79 9.28 18.03
CA ASP A 85 -6.24 9.95 16.78
C ASP A 85 -7.16 9.74 15.57
N GLN A 86 -7.63 8.51 15.42
CA GLN A 86 -8.63 8.16 14.35
C GLN A 86 -9.86 9.02 14.42
N MET A 87 -10.38 9.20 15.64
CA MET A 87 -11.52 10.04 15.86
C MET A 87 -11.27 11.52 15.42
N LYS A 88 -10.15 12.08 15.84
CA LYS A 88 -9.76 13.44 15.51
C LYS A 88 -9.64 13.63 14.02
N LEU A 89 -9.01 12.67 13.33
CA LEU A 89 -8.93 12.76 11.85
C LEU A 89 -10.27 12.72 11.11
N LEU A 90 -11.16 11.80 11.51
CA LEU A 90 -12.36 11.63 10.87
C LEU A 90 -13.31 12.73 11.21
N GLN A 91 -13.27 13.27 12.43
CA GLN A 91 -14.09 14.41 12.80
C GLN A 91 -13.76 15.66 11.94
N ASN A 92 -12.50 15.77 11.52
CA ASN A 92 -12.07 16.86 10.67
C ASN A 92 -12.52 16.73 9.21
N CYS A 93 -12.54 15.51 8.65
CA CYS A 93 -12.68 15.30 7.22
C CYS A 93 -13.90 14.58 6.77
N TRP A 94 -14.81 14.22 7.67
CA TRP A 94 -15.91 13.34 7.25
C TRP A 94 -16.68 13.92 6.08
N SER A 95 -16.99 15.19 6.13
CA SER A 95 -17.82 15.74 5.07
C SER A 95 -17.00 15.96 3.80
N GLU A 96 -15.70 16.30 3.92
CA GLU A 96 -14.85 16.34 2.73
C GLU A 96 -14.78 15.00 2.07
N LEU A 97 -14.71 13.92 2.82
CA LEU A 97 -14.63 12.61 2.20
C LEU A 97 -15.95 12.21 1.52
N LEU A 98 -17.08 12.58 2.10
CA LEU A 98 -18.36 12.35 1.45
C LEU A 98 -18.49 13.13 0.17
N ILE A 99 -18.06 14.37 0.11
CA ILE A 99 -17.97 15.18 -1.12
C ILE A 99 -17.02 14.57 -2.17
N LEU A 100 -15.85 14.13 -1.74
CA LEU A 100 -14.87 13.58 -2.62
C LEU A 100 -15.38 12.28 -3.24
N ASP A 101 -15.96 11.43 -2.39
CA ASP A 101 -16.61 10.21 -2.82
C ASP A 101 -17.67 10.50 -3.90
N HIS A 102 -18.52 11.46 -3.61
CA HIS A 102 -19.53 11.92 -4.55
C HIS A 102 -19.01 12.40 -5.88
N ILE A 103 -18.03 13.29 -5.86
N ILE A 103 -18.02 13.25 -5.82
CA ILE A 103 -17.51 13.80 -7.14
CA ILE A 103 -17.47 13.82 -7.02
C ILE A 103 -16.80 12.72 -7.92
C ILE A 103 -16.80 12.76 -7.88
N TYR A 104 -16.06 11.86 -7.25
CA TYR A 104 -15.35 10.78 -7.98
C TYR A 104 -16.39 9.87 -8.64
N ARG A 105 -17.47 9.61 -7.91
CA ARG A 105 -18.57 8.77 -8.48
C ARG A 105 -19.17 9.39 -9.76
N GLN A 106 -19.32 10.68 -9.77
CA GLN A 106 -19.82 11.40 -10.93
C GLN A 106 -18.84 11.26 -12.13
N VAL A 107 -17.54 11.35 -11.85
CA VAL A 107 -16.55 11.14 -12.89
C VAL A 107 -16.61 9.77 -13.47
N VAL A 108 -16.67 8.72 -12.67
CA VAL A 108 -16.43 7.46 -13.28
C VAL A 108 -17.74 6.71 -13.62
N HIS A 109 -18.82 7.02 -12.95
CA HIS A 109 -20.11 6.34 -13.22
C HIS A 109 -21.17 7.24 -13.81
N GLY A 110 -21.03 8.55 -13.65
CA GLY A 110 -22.08 9.50 -13.93
C GLY A 110 -22.04 10.01 -15.35
N LYS A 111 -23.05 10.78 -15.73
CA LYS A 111 -23.04 11.45 -17.04
C LYS A 111 -23.43 12.90 -16.88
N GLU A 112 -22.97 13.76 -17.82
CA GLU A 112 -23.34 15.14 -17.83
C GLU A 112 -24.90 15.22 -17.87
N GLY A 113 -25.45 16.11 -17.08
CA GLY A 113 -26.90 16.33 -17.06
C GLY A 113 -27.63 15.71 -15.89
N SER A 114 -27.02 14.70 -15.27
CA SER A 114 -27.62 14.02 -14.15
C SER A 114 -26.66 13.71 -13.00
N ILE A 115 -27.20 13.55 -11.81
CA ILE A 115 -26.42 13.15 -10.65
C ILE A 115 -26.56 11.64 -10.54
N PHE A 116 -25.44 10.94 -10.32
CA PHE A 116 -25.42 9.52 -10.11
C PHE A 116 -25.31 9.32 -8.59
N LEU A 117 -26.38 8.76 -8.02
CA LEU A 117 -26.40 8.49 -6.56
C LEU A 117 -25.62 7.24 -6.23
N VAL A 118 -25.19 7.10 -4.97
CA VAL A 118 -24.49 5.94 -4.50
C VAL A 118 -25.33 4.65 -4.67
N THR A 119 -26.63 4.77 -4.77
CA THR A 119 -27.49 3.62 -5.04
C THR A 119 -27.49 3.13 -6.52
N GLY A 120 -26.90 3.91 -7.42
CA GLY A 120 -26.90 3.62 -8.83
C GLY A 120 -28.01 4.32 -9.57
N GLN A 121 -28.90 5.01 -8.89
CA GLN A 121 -29.97 5.74 -9.53
C GLN A 121 -29.46 7.09 -10.03
N GLN A 122 -30.04 7.61 -11.11
CA GLN A 122 -29.69 8.93 -11.65
C GLN A 122 -30.82 9.89 -11.58
N VAL A 123 -30.56 11.13 -11.24
CA VAL A 123 -31.55 12.16 -11.15
C VAL A 123 -31.09 13.32 -12.01
N ASP A 124 -31.91 13.74 -13.00
CA ASP A 124 -31.60 14.97 -13.79
C ASP A 124 -31.46 16.17 -12.94
N TYR A 125 -30.43 16.98 -13.22
CA TYR A 125 -30.23 18.18 -12.46
C TYR A 125 -31.42 19.15 -12.62
N SER A 126 -32.12 19.03 -13.74
CA SER A 126 -33.26 19.90 -14.02
C SER A 126 -34.45 19.55 -13.06
N ILE A 127 -34.56 18.27 -12.68
CA ILE A 127 -35.49 17.90 -11.63
C ILE A 127 -35.12 18.63 -10.39
N ILE A 128 -33.84 18.60 -10.03
CA ILE A 128 -33.40 19.22 -8.78
C ILE A 128 -33.61 20.72 -8.89
N ALA A 129 -33.23 21.30 -10.00
CA ALA A 129 -33.43 22.76 -10.16
C ALA A 129 -34.84 23.21 -10.04
N SER A 130 -35.78 22.40 -10.49
CA SER A 130 -37.19 22.77 -10.44
C SER A 130 -37.85 22.49 -9.08
N GLN A 131 -37.22 21.71 -8.21
CA GLN A 131 -37.86 21.19 -6.99
C GLN A 131 -37.16 21.53 -5.68
N ALA A 132 -35.89 21.90 -5.78
CA ALA A 132 -35.10 22.19 -4.65
C ALA A 132 -35.01 23.67 -4.47
N GLY A 133 -34.64 24.09 -3.26
CA GLY A 133 -34.45 25.47 -2.94
C GLY A 133 -33.12 26.00 -3.41
N ALA A 134 -32.92 27.30 -3.20
CA ALA A 134 -31.73 28.02 -3.60
C ALA A 134 -30.45 27.46 -2.94
N THR A 135 -30.51 27.09 -1.65
CA THR A 135 -29.30 26.61 -0.95
C THR A 135 -28.82 25.31 -1.58
N LEU A 136 -29.73 24.41 -1.85
CA LEU A 136 -29.34 23.12 -2.41
C LEU A 136 -28.90 23.30 -3.84
N ASN A 137 -29.66 24.11 -4.61
CA ASN A 137 -29.28 24.38 -5.97
C ASN A 137 -27.84 24.95 -6.07
N ASN A 138 -27.47 25.87 -5.21
N ASN A 138 -27.47 25.90 -5.22
CA ASN A 138 -26.15 26.45 -5.24
CA ASN A 138 -26.13 26.50 -5.19
C ASN A 138 -25.08 25.43 -4.88
C ASN A 138 -25.10 25.42 -4.90
N LEU A 139 -25.40 24.53 -3.96
CA LEU A 139 -24.50 23.44 -3.61
C LEU A 139 -24.31 22.53 -4.82
N MET A 140 -25.40 22.15 -5.47
CA MET A 140 -25.34 21.36 -6.69
C MET A 140 -24.53 22.04 -7.82
N SER A 141 -24.74 23.33 -8.02
N SER A 141 -24.74 23.34 -8.02
CA SER A 141 -23.93 24.10 -8.97
CA SER A 141 -23.95 24.12 -8.96
C SER A 141 -22.42 24.04 -8.68
C SER A 141 -22.43 24.03 -8.69
N HIS A 142 -22.04 24.23 -7.43
CA HIS A 142 -20.62 24.22 -7.07
C HIS A 142 -20.03 22.81 -7.25
N ALA A 143 -20.77 21.78 -6.84
CA ALA A 143 -20.36 20.39 -7.05
C ALA A 143 -20.19 20.08 -8.51
N GLN A 144 -21.13 20.56 -9.34
CA GLN A 144 -21.03 20.35 -10.77
C GLN A 144 -19.74 20.96 -11.38
N GLU A 145 -19.31 22.09 -10.86
CA GLU A 145 -18.12 22.79 -11.35
C GLU A 145 -16.93 21.93 -11.02
N LEU A 146 -16.94 21.38 -9.83
N LEU A 146 -16.90 21.40 -9.80
CA LEU A 146 -15.86 20.50 -9.45
CA LEU A 146 -15.81 20.49 -9.41
C LEU A 146 -15.79 19.22 -10.30
C LEU A 146 -15.78 19.21 -10.28
N VAL A 147 -16.95 18.62 -10.53
CA VAL A 147 -17.00 17.41 -11.38
C VAL A 147 -16.53 17.72 -12.79
N ALA A 148 -16.97 18.86 -13.31
CA ALA A 148 -16.51 19.32 -14.66
C ALA A 148 -14.96 19.39 -14.74
N LYS A 149 -14.37 19.98 -13.73
CA LYS A 149 -12.89 20.04 -13.65
C LYS A 149 -12.23 18.67 -13.63
N LEU A 150 -12.76 17.76 -12.82
CA LEU A 150 -12.18 16.48 -12.66
C LEU A 150 -12.40 15.60 -13.89
N ARG A 151 -13.59 15.67 -14.50
CA ARG A 151 -13.78 15.01 -15.79
C ARG A 151 -12.78 15.50 -16.86
N SER A 152 -12.62 16.80 -16.90
CA SER A 152 -11.74 17.47 -17.89
C SER A 152 -10.31 16.96 -17.78
N LEU A 153 -9.87 16.75 -16.54
N LEU A 153 -9.87 16.70 -16.55
CA LEU A 153 -8.56 16.24 -16.19
CA LEU A 153 -8.54 16.19 -16.26
C LEU A 153 -8.39 14.74 -16.39
C LEU A 153 -8.38 14.72 -16.42
N GLN A 154 -9.47 13.99 -16.66
CA GLN A 154 -9.45 12.56 -16.65
C GLN A 154 -8.87 12.05 -15.31
N PHE A 155 -9.46 12.54 -14.22
CA PHE A 155 -9.26 12.06 -12.85
C PHE A 155 -9.52 10.58 -12.77
N ASP A 156 -8.54 9.83 -12.25
CA ASP A 156 -8.65 8.40 -12.16
C ASP A 156 -8.53 7.81 -10.78
N GLN A 157 -8.67 6.50 -10.69
CA GLN A 157 -8.73 5.89 -9.36
C GLN A 157 -7.44 6.03 -8.56
N ARG A 158 -6.30 5.98 -9.25
CA ARG A 158 -4.99 6.16 -8.60
C ARG A 158 -4.91 7.55 -7.92
N GLU A 159 -5.27 8.58 -8.65
CA GLU A 159 -5.28 9.93 -8.10
C GLU A 159 -6.32 10.09 -6.98
N PHE A 160 -7.54 9.52 -7.15
CA PHE A 160 -8.58 9.58 -6.16
C PHE A 160 -8.07 9.06 -4.84
N VAL A 161 -7.45 7.87 -4.82
N VAL A 161 -7.44 7.89 -4.86
CA VAL A 161 -6.95 7.31 -3.55
CA VAL A 161 -6.95 7.33 -3.61
C VAL A 161 -5.86 8.19 -2.90
C VAL A 161 -5.89 8.21 -2.93
N CYS A 162 -5.03 8.82 -3.72
CA CYS A 162 -4.06 9.78 -3.15
C CYS A 162 -4.78 10.95 -2.49
N LEU A 163 -5.80 11.47 -3.14
CA LEU A 163 -6.53 12.62 -2.59
C LEU A 163 -7.26 12.26 -1.31
N LYS A 164 -7.84 11.08 -1.27
CA LYS A 164 -8.49 10.65 -0.04
C LYS A 164 -7.52 10.64 1.14
N PHE A 165 -6.28 10.13 0.93
CA PHE A 165 -5.29 10.06 1.96
C PHE A 165 -4.83 11.45 2.38
N LEU A 166 -4.77 12.35 1.44
CA LEU A 166 -4.29 13.70 1.75
C LEU A 166 -5.41 14.46 2.51
N VAL A 167 -6.65 14.16 2.20
CA VAL A 167 -7.82 14.70 2.95
C VAL A 167 -7.86 14.15 4.39
N LEU A 168 -7.66 12.85 4.52
CA LEU A 168 -7.75 12.13 5.81
C LEU A 168 -6.63 12.55 6.75
N PHE A 169 -5.39 12.58 6.26
CA PHE A 169 -4.23 12.86 7.06
C PHE A 169 -3.95 14.36 6.94
N SER A 170 -4.81 15.13 7.59
CA SER A 170 -4.82 16.57 7.49
C SER A 170 -3.91 17.28 8.51
N LEU A 171 -3.09 18.20 8.00
CA LEU A 171 -2.25 18.99 8.86
C LEU A 171 -3.07 20.04 9.64
N ASP A 172 -4.31 20.25 9.30
CA ASP A 172 -5.29 21.10 10.08
C ASP A 172 -5.61 20.51 11.49
N VAL A 173 -5.40 19.22 11.70
CA VAL A 173 -5.79 18.58 12.96
C VAL A 173 -4.79 18.77 14.07
N LYS A 174 -5.28 19.42 15.11
CA LYS A 174 -4.55 19.62 16.36
C LYS A 174 -4.76 18.49 17.34
N ASN A 175 -3.75 18.42 18.17
CA ASN A 175 -3.73 17.58 19.30
C ASN A 175 -3.60 16.15 18.92
N LEU A 176 -2.98 15.81 17.79
CA LEU A 176 -2.76 14.36 17.53
C LEU A 176 -1.62 13.79 18.32
N GLU A 177 -1.72 12.53 18.72
CA GLU A 177 -0.62 11.84 19.34
C GLU A 177 0.49 11.50 18.29
N ASN A 178 0.09 11.20 17.06
CA ASN A 178 1.11 10.80 16.08
C ASN A 178 1.01 11.75 14.93
N PHE A 179 1.48 12.99 15.15
CA PHE A 179 1.46 13.97 14.07
C PHE A 179 2.51 13.65 12.98
N GLN A 180 3.56 12.94 13.34
CA GLN A 180 4.58 12.59 12.43
C GLN A 180 4.07 11.72 11.27
N LEU A 181 3.15 10.85 11.56
CA LEU A 181 2.53 10.10 10.50
C LEU A 181 1.76 10.98 9.49
N VAL A 182 1.03 12.00 9.97
CA VAL A 182 0.42 12.99 9.09
C VAL A 182 1.43 13.68 8.18
N GLU A 183 2.58 14.07 8.73
CA GLU A 183 3.62 14.74 7.92
C GLU A 183 4.17 13.75 6.87
N GLY A 184 4.29 12.53 7.28
CA GLY A 184 4.80 11.48 6.38
C GLY A 184 3.83 11.16 5.24
N VAL A 185 2.54 11.01 5.57
CA VAL A 185 1.51 10.86 4.54
C VAL A 185 1.53 12.04 3.56
N GLN A 186 1.47 13.27 4.06
CA GLN A 186 1.54 14.47 3.22
C GLN A 186 2.75 14.43 2.31
N GLU A 187 3.94 14.19 2.84
CA GLU A 187 5.15 14.24 2.05
C GLU A 187 5.15 13.12 1.00
N GLN A 188 4.89 11.89 1.46
CA GLN A 188 5.12 10.71 0.59
C GLN A 188 3.95 10.51 -0.39
N VAL A 189 2.71 10.81 0.04
CA VAL A 189 1.61 10.72 -0.92
C VAL A 189 1.65 11.83 -1.98
N ASN A 190 1.99 13.04 -1.58
CA ASN A 190 2.23 14.09 -2.63
C ASN A 190 3.30 13.62 -3.64
N ALA A 191 4.41 13.11 -3.13
CA ALA A 191 5.48 12.64 -4.03
C ALA A 191 5.04 11.55 -4.98
N ALA A 192 4.25 10.60 -4.47
CA ALA A 192 3.76 9.46 -5.28
C ALA A 192 2.79 9.94 -6.31
N LEU A 193 1.92 10.87 -5.92
CA LEU A 193 0.95 11.44 -6.84
C LEU A 193 1.62 12.17 -7.95
N LEU A 194 2.64 12.97 -7.63
CA LEU A 194 3.35 13.72 -8.71
C LEU A 194 4.03 12.73 -9.68
N ASP A 195 4.68 11.73 -9.09
CA ASP A 195 5.35 10.66 -9.93
C ASP A 195 4.34 10.02 -10.87
N TYR A 196 3.18 9.67 -10.31
CA TYR A 196 2.09 9.07 -11.04
C TYR A 196 1.58 9.95 -12.20
N THR A 197 1.28 11.21 -11.93
CA THR A 197 0.74 12.12 -12.95
C THR A 197 1.75 12.43 -14.03
N MET A 198 2.99 12.66 -13.63
N MET A 198 2.99 12.66 -13.63
CA MET A 198 4.05 12.95 -14.57
CA MET A 198 4.08 12.91 -14.57
C MET A 198 4.31 11.76 -15.54
C MET A 198 4.28 11.75 -15.56
N CYS A 199 4.23 10.53 -15.04
CA CYS A 199 4.48 9.33 -15.88
CA CYS A 199 4.46 9.29 -15.83
C CYS A 199 3.25 8.90 -16.70
N ASN A 200 2.05 9.13 -16.17
CA ASN A 200 0.87 8.61 -16.81
C ASN A 200 0.04 9.61 -17.59
N TYR A 201 0.21 10.88 -17.29
CA TYR A 201 -0.43 11.98 -18.03
C TYR A 201 0.62 13.02 -18.35
N PRO A 202 1.72 12.63 -19.02
CA PRO A 202 2.77 13.66 -19.30
C PRO A 202 2.28 14.85 -20.09
N GLN A 203 1.23 14.66 -20.88
CA GLN A 203 0.69 15.71 -21.78
C GLN A 203 -0.04 16.78 -20.98
N GLN A 204 -0.39 16.46 -19.72
CA GLN A 204 -0.99 17.41 -18.79
C GLN A 204 0.14 17.83 -17.85
N THR A 205 0.91 18.85 -18.23
CA THR A 205 2.10 19.20 -17.45
C THR A 205 1.85 19.73 -16.03
N GLU A 206 0.61 20.15 -15.75
CA GLU A 206 0.25 20.72 -14.51
C GLU A 206 -0.80 19.87 -13.81
N LYS A 207 -0.92 18.63 -14.18
CA LYS A 207 -2.01 17.83 -13.59
C LYS A 207 -1.89 17.74 -12.05
N PHE A 208 -0.71 17.44 -11.53
CA PHE A 208 -0.49 17.38 -10.08
C PHE A 208 -1.01 18.64 -9.38
N GLY A 209 -0.59 19.80 -9.85
CA GLY A 209 -1.01 21.02 -9.24
C GLY A 209 -2.44 21.36 -9.45
N GLN A 210 -3.02 20.98 -10.61
CA GLN A 210 -4.42 21.18 -10.81
C GLN A 210 -5.29 20.28 -9.94
N LEU A 211 -4.80 19.07 -9.63
CA LEU A 211 -5.52 18.20 -8.73
C LEU A 211 -5.51 18.77 -7.34
N LEU A 212 -4.33 19.20 -6.90
N LEU A 212 -4.34 19.23 -6.89
CA LEU A 212 -4.20 19.76 -5.56
CA LEU A 212 -4.27 19.77 -5.53
C LEU A 212 -5.04 21.00 -5.33
C LEU A 212 -5.10 21.01 -5.32
N LEU A 213 -5.25 21.81 -6.38
CA LEU A 213 -6.11 23.01 -6.28
C LEU A 213 -7.57 22.71 -6.02
N ARG A 214 -7.98 21.49 -6.24
CA ARG A 214 -9.34 21.08 -5.90
C ARG A 214 -9.53 20.83 -4.42
N LEU A 215 -8.45 20.57 -3.64
CA LEU A 215 -8.64 20.26 -2.23
C LEU A 215 -9.34 21.41 -1.40
N PRO A 216 -8.96 22.67 -1.62
CA PRO A 216 -9.64 23.74 -0.82
C PRO A 216 -11.02 23.93 -1.29
N GLU A 217 -11.28 23.58 -2.56
CA GLU A 217 -12.64 23.64 -3.11
C GLU A 217 -13.55 22.58 -2.51
N ILE A 218 -13.01 21.38 -2.35
CA ILE A 218 -13.71 20.30 -1.61
C ILE A 218 -13.96 20.75 -0.18
N ARG A 219 -12.98 21.35 0.52
CA ARG A 219 -13.26 21.85 1.85
C ARG A 219 -14.42 22.85 1.86
N ALA A 220 -14.39 23.85 0.97
CA ALA A 220 -15.44 24.84 0.91
C ALA A 220 -16.85 24.27 0.70
N ILE A 221 -16.99 23.41 -0.32
N ILE A 221 -17.01 23.39 -0.27
CA ILE A 221 -18.22 22.69 -0.59
CA ILE A 221 -18.30 22.80 -0.50
C ILE A 221 -18.69 21.95 0.65
C ILE A 221 -18.74 21.89 0.63
N SER A 222 -17.78 21.22 1.30
CA SER A 222 -18.14 20.40 2.46
C SER A 222 -18.75 21.27 3.60
N MET A 223 -18.18 22.46 3.74
N MET A 223 -18.19 22.47 3.75
CA MET A 223 -18.65 23.42 4.76
CA MET A 223 -18.67 23.40 4.77
C MET A 223 -20.04 23.96 4.38
C MET A 223 -20.06 23.95 4.38
N GLN A 224 -20.24 24.26 3.10
CA GLN A 224 -21.54 24.75 2.62
C GLN A 224 -22.58 23.62 2.82
N ALA A 225 -22.17 22.38 2.55
CA ALA A 225 -23.03 21.20 2.77
C ALA A 225 -23.44 21.01 4.25
N GLU A 226 -22.47 21.20 5.14
CA GLU A 226 -22.72 21.10 6.57
C GLU A 226 -23.67 22.20 6.99
N GLU A 227 -23.49 23.40 6.45
N GLU A 227 -23.49 23.41 6.47
CA GLU A 227 -24.39 24.51 6.75
CA GLU A 227 -24.38 24.51 6.82
C GLU A 227 -25.82 24.20 6.34
C GLU A 227 -25.82 24.23 6.35
N TYR A 228 -25.99 23.68 5.12
CA TYR A 228 -27.30 23.27 4.61
C TYR A 228 -27.95 22.22 5.55
N LEU A 229 -27.20 21.19 5.88
CA LEU A 229 -27.73 20.12 6.74
C LEU A 229 -28.05 20.66 8.14
N TYR A 230 -27.25 21.59 8.63
CA TYR A 230 -27.48 22.23 9.88
C TYR A 230 -28.83 22.98 9.95
N TYR A 231 -29.19 23.77 8.93
CA TYR A 231 -30.53 24.35 8.91
C TYR A 231 -31.65 23.31 8.77
N LYS A 232 -31.42 22.27 7.97
CA LYS A 232 -32.41 21.21 7.84
C LYS A 232 -32.61 20.53 9.20
N HIS A 233 -31.53 20.39 9.99
CA HIS A 233 -31.61 19.83 11.36
C HIS A 233 -32.39 20.78 12.29
N LEU A 234 -32.09 22.07 12.24
CA LEU A 234 -32.87 23.05 12.97
C LEU A 234 -34.37 22.97 12.67
N ASN A 235 -34.76 22.64 11.44
CA ASN A 235 -36.18 22.37 11.16
C ASN A 235 -36.65 20.95 11.45
N GLY A 236 -35.86 20.16 12.17
CA GLY A 236 -36.26 18.80 12.56
C GLY A 236 -36.26 17.81 11.41
N ASP A 237 -35.61 18.12 10.29
CA ASP A 237 -35.87 17.30 9.09
C ASP A 237 -34.85 16.20 8.88
N VAL A 238 -33.73 16.29 9.57
CA VAL A 238 -32.65 15.31 9.41
C VAL A 238 -32.98 14.15 10.36
N PRO A 239 -33.03 12.92 9.82
CA PRO A 239 -33.29 11.82 10.76
C PRO A 239 -32.12 11.66 11.74
N TYR A 240 -32.41 11.17 12.95
CA TYR A 240 -31.36 11.05 13.97
C TYR A 240 -31.11 9.57 14.30
N ASN A 241 -30.33 9.28 15.34
CA ASN A 241 -29.77 7.97 15.52
C ASN A 241 -28.98 7.47 14.33
N ASN A 242 -27.97 8.21 13.98
CA ASN A 242 -27.15 7.73 12.90
C ASN A 242 -25.86 8.46 12.94
N LEU A 243 -24.95 8.04 12.07
CA LEU A 243 -23.64 8.55 12.06
C LEU A 243 -23.62 9.96 11.51
N LEU A 244 -24.43 10.17 10.46
CA LEU A 244 -24.42 11.45 9.77
C LEU A 244 -24.68 12.60 10.76
N ILE A 245 -25.77 12.49 11.51
CA ILE A 245 -26.21 13.55 12.47
C ILE A 245 -25.24 13.72 13.63
N GLU A 246 -24.62 12.62 14.06
CA GLU A 246 -23.59 12.67 15.13
C GLU A 246 -22.37 13.48 14.66
N MET A 247 -21.97 13.32 13.40
CA MET A 247 -20.78 14.03 12.91
C MET A 247 -21.04 15.48 12.79
N LEU A 248 -22.25 15.79 12.43
CA LEU A 248 -22.68 17.13 12.27
C LEU A 248 -22.66 17.89 13.59
N HIS A 249 -23.11 17.24 14.66
CA HIS A 249 -23.10 17.75 16.05
C HIS A 249 -21.79 17.67 16.81
N ALA A 250 -20.82 16.92 16.33
CA ALA A 250 -19.54 16.77 17.03
C ALA A 250 -18.71 18.08 17.07
N LYS A 251 -18.91 18.94 16.07
CA LYS A 251 -18.17 20.21 15.87
C LYS A 251 -16.72 19.89 15.51
N GLY B 2 -17.37 18.03 24.86
CA GLY B 2 -16.84 17.00 25.80
C GLY B 2 -17.17 15.58 25.34
N ALA B 3 -17.24 14.65 26.27
CA ALA B 3 -17.73 13.29 25.95
C ALA B 3 -19.15 13.38 25.35
N ALA B 4 -19.90 14.43 25.72
CA ALA B 4 -21.29 14.60 25.24
C ALA B 4 -21.36 14.81 23.72
N SER B 5 -20.33 15.46 23.18
CA SER B 5 -20.36 15.75 21.78
C SER B 5 -19.57 14.68 21.02
N ARG B 6 -18.92 13.71 21.72
CA ARG B 6 -18.20 12.67 21.00
C ARG B 6 -19.24 11.81 20.22
N PRO B 7 -19.01 11.52 18.90
CA PRO B 7 -20.01 10.74 18.15
C PRO B 7 -19.91 9.31 18.57
N ALA B 8 -20.93 8.85 19.32
CA ALA B 8 -20.98 7.50 19.85
C ALA B 8 -20.87 6.38 18.87
N ILE B 9 -21.55 6.49 17.71
CA ILE B 9 -21.51 5.46 16.70
C ILE B 9 -20.14 5.42 16.08
N LEU B 10 -19.57 6.56 15.78
CA LEU B 10 -18.18 6.54 15.27
C LEU B 10 -17.21 5.87 16.22
N TYR B 11 -17.30 6.24 17.50
CA TYR B 11 -16.37 5.71 18.44
C TYR B 11 -16.52 4.21 18.56
N ALA B 12 -17.76 3.75 18.52
CA ALA B 12 -18.03 2.32 18.62
C ALA B 12 -17.46 1.55 17.43
N LEU B 13 -17.54 2.14 16.24
CA LEU B 13 -17.01 1.54 15.04
C LEU B 13 -15.50 1.47 15.06
N LEU B 14 -14.89 2.53 15.51
CA LEU B 14 -13.44 2.56 15.55
C LEU B 14 -12.88 1.70 16.65
N SER B 15 -13.60 1.57 17.76
CA SER B 15 -13.20 0.72 18.87
C SER B 15 -13.24 -0.78 18.66
N SER B 16 -13.96 -1.24 17.65
CA SER B 16 -14.11 -2.64 17.39
C SER B 16 -12.82 -3.25 16.83
N SER B 17 -12.49 -4.47 17.20
CA SER B 17 -11.32 -5.12 16.58
C SER B 17 -11.67 -5.85 15.28
N SER C 12 25.25 -35.63 -8.73
CA SER C 12 25.94 -34.59 -9.55
C SER C 12 25.12 -33.28 -9.70
N ILE C 13 25.68 -32.34 -10.43
CA ILE C 13 25.10 -30.98 -10.56
C ILE C 13 25.00 -30.68 -12.05
N PRO C 14 23.77 -30.37 -12.56
CA PRO C 14 23.59 -29.98 -13.93
C PRO C 14 24.54 -28.80 -14.33
N HIS C 15 25.00 -28.78 -15.57
CA HIS C 15 25.98 -27.80 -15.98
C HIS C 15 25.43 -26.34 -15.81
N LEU C 16 24.13 -26.12 -16.03
CA LEU C 16 23.59 -24.77 -15.82
C LEU C 16 23.77 -24.31 -14.36
N ILE C 17 23.53 -25.19 -13.38
CA ILE C 17 23.66 -24.81 -12.00
C ILE C 17 25.12 -24.56 -11.61
N LEU C 18 26.04 -25.32 -12.20
CA LEU C 18 27.48 -25.00 -12.03
C LEU C 18 27.81 -23.59 -12.54
N GLU C 19 27.21 -23.18 -13.65
CA GLU C 19 27.44 -21.84 -14.15
C GLU C 19 26.80 -20.78 -13.25
N LEU C 20 25.58 -21.02 -12.80
CA LEU C 20 24.90 -20.10 -11.87
C LEU C 20 25.65 -19.97 -10.52
N LEU C 21 26.24 -21.05 -10.03
CA LEU C 21 27.00 -20.96 -8.79
C LEU C 21 28.16 -19.98 -8.83
N LYS C 22 28.68 -19.74 -10.02
CA LYS C 22 29.80 -18.77 -10.24
C LYS C 22 29.35 -17.36 -9.89
N CYS C 23 28.03 -17.11 -9.88
CA CYS C 23 27.50 -15.78 -9.55
C CYS C 23 27.49 -15.56 -8.05
N GLU C 24 27.64 -16.63 -7.23
CA GLU C 24 27.49 -16.50 -5.81
C GLU C 24 28.66 -15.67 -5.17
N PRO C 25 28.34 -14.78 -4.27
CA PRO C 25 29.43 -14.03 -3.67
C PRO C 25 30.20 -14.89 -2.65
N ASP C 26 31.40 -14.46 -2.29
CA ASP C 26 32.11 -15.11 -1.18
C ASP C 26 31.53 -14.61 0.13
N GLU C 27 30.94 -15.53 0.86
CA GLU C 27 30.13 -15.27 1.97
C GLU C 27 30.87 -14.64 3.16
N PRO C 28 32.08 -15.13 3.46
CA PRO C 28 32.83 -14.49 4.56
C PRO C 28 33.21 -13.08 4.19
N GLN C 29 33.47 -12.84 2.89
CA GLN C 29 33.89 -11.50 2.46
C GLN C 29 32.76 -10.52 2.57
N VAL C 30 31.57 -10.99 2.27
CA VAL C 30 30.41 -10.16 2.42
C VAL C 30 30.14 -9.84 3.84
N GLN C 31 30.10 -10.86 4.67
CA GLN C 31 29.96 -10.67 6.09
C GLN C 31 30.97 -9.62 6.64
N ALA C 32 32.23 -9.74 6.25
CA ALA C 32 33.27 -8.81 6.69
C ALA C 32 33.02 -7.36 6.24
N LYS C 33 32.67 -7.22 4.98
CA LYS C 33 32.36 -5.97 4.36
C LYS C 33 31.15 -5.26 5.02
N ILE C 34 30.06 -5.97 5.26
CA ILE C 34 28.88 -5.35 5.88
C ILE C 34 29.18 -4.98 7.36
N MET C 35 29.84 -5.89 8.06
CA MET C 35 30.37 -5.58 9.40
C MET C 35 31.19 -4.34 9.47
N ALA C 36 32.14 -4.21 8.56
CA ALA C 36 33.08 -3.10 8.59
C ALA C 36 32.32 -1.78 8.33
N TYR C 37 31.43 -1.86 7.36
CA TYR C 37 30.57 -0.70 6.99
C TYR C 37 29.73 -0.26 8.21
N LEU C 38 29.01 -1.16 8.86
CA LEU C 38 28.18 -0.73 9.97
C LEU C 38 29.02 -0.22 11.16
N GLN C 39 30.16 -0.88 11.41
CA GLN C 39 31.13 -0.35 12.39
C GLN C 39 31.54 1.06 12.16
N GLN C 40 31.92 1.35 10.96
CA GLN C 40 32.40 2.65 10.61
C GLN C 40 31.29 3.68 10.74
N GLU C 41 30.10 3.31 10.28
CA GLU C 41 28.94 4.21 10.31
C GLU C 41 28.72 4.64 11.77
N GLN C 42 28.81 3.72 12.70
CA GLN C 42 28.62 4.09 14.09
C GLN C 42 29.84 4.78 14.71
N ALA C 43 31.05 4.44 14.23
CA ALA C 43 32.27 5.10 14.72
C ALA C 43 32.31 6.54 14.35
N ASN C 44 31.87 6.89 13.16
CA ASN C 44 31.88 8.25 12.67
C ASN C 44 30.82 9.14 13.32
N ARG C 45 29.94 8.57 14.14
CA ARG C 45 28.88 9.33 14.75
C ARG C 45 29.22 9.55 16.20
N SER C 46 28.96 10.74 16.75
CA SER C 46 29.08 10.91 18.21
C SER C 46 27.85 10.38 18.91
N LYS C 47 27.88 10.42 20.24
CA LYS C 47 26.72 10.03 21.07
C LYS C 47 25.48 10.85 20.76
N HIS C 48 25.66 12.03 20.16
CA HIS C 48 24.52 12.88 19.78
C HIS C 48 23.85 12.47 18.46
N GLU C 49 24.46 11.51 17.75
CA GLU C 49 24.04 11.09 16.44
C GLU C 49 23.98 9.59 16.19
N LYS C 50 24.07 8.80 17.24
CA LYS C 50 24.10 7.36 17.08
C LYS C 50 22.84 6.82 16.41
N LEU C 51 23.03 5.82 15.53
CA LEU C 51 21.93 5.14 14.91
C LEU C 51 21.25 4.22 15.94
N SER C 52 19.95 4.12 15.87
CA SER C 52 19.20 3.11 16.65
C SER C 52 19.35 1.71 16.08
N THR C 53 18.83 0.71 16.81
CA THR C 53 18.84 -0.63 16.33
C THR C 53 18.13 -0.65 14.97
N PHE C 54 16.99 0.02 14.89
CA PHE C 54 16.20 -0.02 13.68
C PHE C 54 17.03 0.56 12.52
N GLY C 55 17.66 1.70 12.75
CA GLY C 55 18.39 2.37 11.69
C GLY C 55 19.52 1.46 11.21
N LEU C 56 20.18 0.84 12.18
CA LEU C 56 21.28 -0.04 11.87
C LEU C 56 20.85 -1.28 11.05
N MET C 57 19.69 -1.85 11.43
CA MET C 57 19.14 -2.99 10.69
C MET C 57 18.76 -2.61 9.28
N CYS C 58 18.21 -1.40 9.09
CA CYS C 58 17.88 -0.88 7.79
C CYS C 58 19.15 -0.78 6.91
N LYS C 59 20.21 -0.24 7.49
CA LYS C 59 21.48 -0.15 6.79
C LYS C 59 22.05 -1.50 6.48
N MET C 60 21.94 -2.43 7.42
N MET C 60 21.94 -2.43 7.43
CA MET C 60 22.31 -3.81 7.14
CA MET C 60 22.27 -3.85 7.18
C MET C 60 21.53 -4.42 5.95
C MET C 60 21.52 -4.43 5.97
N ALA C 61 20.21 -4.21 5.94
CA ALA C 61 19.35 -4.70 4.84
C ALA C 61 19.69 -4.00 3.51
N ASP C 62 19.95 -2.71 3.61
CA ASP C 62 20.46 -1.97 2.44
C ASP C 62 21.74 -2.54 1.85
N GLN C 63 22.72 -2.82 2.69
CA GLN C 63 23.99 -3.34 2.17
C GLN C 63 23.78 -4.79 1.62
N THR C 64 22.91 -5.57 2.24
CA THR C 64 22.58 -6.87 1.68
C THR C 64 21.97 -6.73 0.30
N LEU C 65 21.04 -5.79 0.15
CA LEU C 65 20.44 -5.53 -1.17
C LEU C 65 21.49 -5.08 -2.21
N PHE C 66 22.45 -4.27 -1.82
CA PHE C 66 23.53 -3.92 -2.71
C PHE C 66 24.27 -5.19 -3.21
N SER C 67 24.62 -6.06 -2.29
CA SER C 67 25.21 -7.39 -2.63
C SER C 67 24.31 -8.25 -3.56
N ILE C 68 23.00 -8.27 -3.29
CA ILE C 68 22.01 -8.88 -4.16
C ILE C 68 22.05 -8.28 -5.55
N VAL C 69 22.14 -6.96 -5.66
CA VAL C 69 22.21 -6.36 -6.98
C VAL C 69 23.53 -6.76 -7.69
N GLU C 70 24.65 -6.71 -7.00
CA GLU C 70 25.92 -7.26 -7.59
C GLU C 70 25.81 -8.72 -8.05
N TRP C 71 25.10 -9.54 -7.30
CA TRP C 71 24.87 -10.96 -7.70
C TRP C 71 24.13 -10.98 -9.07
N ALA C 72 23.06 -10.21 -9.16
CA ALA C 72 22.28 -10.18 -10.31
C ALA C 72 23.07 -9.74 -11.52
N ARG C 73 23.86 -8.69 -11.31
CA ARG C 73 24.63 -8.15 -12.40
C ARG C 73 25.73 -9.05 -12.88
N SER C 74 26.17 -10.00 -12.07
CA SER C 74 27.18 -10.93 -12.51
C SER C 74 26.63 -12.02 -13.43
N SER C 75 25.29 -12.14 -13.54
CA SER C 75 24.69 -13.16 -14.34
C SER C 75 24.63 -12.78 -15.79
N ILE C 76 25.04 -13.68 -16.70
CA ILE C 76 24.92 -13.42 -18.12
C ILE C 76 23.46 -13.23 -18.52
N PHE C 77 22.54 -14.03 -17.96
CA PHE C 77 21.14 -13.86 -18.26
C PHE C 77 20.64 -12.44 -17.98
N PHE C 78 21.04 -11.90 -16.83
CA PHE C 78 20.57 -10.60 -16.43
C PHE C 78 21.14 -9.50 -17.31
N ARG C 79 22.39 -9.70 -17.70
CA ARG C 79 23.05 -8.78 -18.58
C ARG C 79 22.49 -8.76 -20.00
N GLU C 80 21.70 -9.78 -20.36
CA GLU C 80 21.11 -9.85 -21.68
C GLU C 80 19.87 -8.98 -21.72
N LEU C 81 19.48 -8.46 -20.59
CA LEU C 81 18.43 -7.45 -20.54
C LEU C 81 18.95 -6.03 -20.62
N LYS C 82 18.23 -5.18 -21.33
CA LYS C 82 18.48 -3.77 -21.25
C LYS C 82 18.26 -3.28 -19.88
N VAL C 83 18.93 -2.15 -19.61
CA VAL C 83 18.92 -1.59 -18.26
C VAL C 83 17.47 -1.28 -17.75
N ASP C 84 16.55 -0.84 -18.61
N ASP C 84 16.57 -0.84 -18.64
CA ASP C 84 15.18 -0.61 -18.12
CA ASP C 84 15.20 -0.62 -18.19
C ASP C 84 14.41 -1.94 -17.78
C ASP C 84 14.52 -1.92 -17.72
N ASP C 85 14.74 -3.04 -18.46
CA ASP C 85 14.25 -4.36 -18.05
C ASP C 85 14.85 -4.81 -16.72
N GLN C 86 16.14 -4.64 -16.54
CA GLN C 86 16.79 -4.99 -15.24
C GLN C 86 16.11 -4.28 -14.09
N MET C 87 15.85 -2.98 -14.26
CA MET C 87 15.22 -2.20 -13.18
C MET C 87 13.82 -2.68 -12.86
N LYS C 88 13.06 -3.01 -13.89
CA LYS C 88 11.75 -3.54 -13.74
C LYS C 88 11.76 -4.87 -13.00
N LEU C 89 12.68 -5.76 -13.32
CA LEU C 89 12.76 -7.02 -12.52
C LEU C 89 13.14 -6.79 -11.04
N LEU C 90 14.15 -5.94 -10.83
CA LEU C 90 14.62 -5.72 -9.47
C LEU C 90 13.62 -5.01 -8.64
N GLN C 91 12.85 -4.13 -9.26
CA GLN C 91 11.84 -3.36 -8.51
C GLN C 91 10.63 -4.25 -8.14
N ASN C 92 10.39 -5.30 -8.90
CA ASN C 92 9.40 -6.31 -8.58
C ASN C 92 9.74 -7.27 -7.43
N CYS C 93 11.00 -7.66 -7.27
CA CYS C 93 11.39 -8.80 -6.41
C CYS C 93 12.35 -8.49 -5.29
N TRP C 94 12.68 -7.19 -5.08
CA TRP C 94 13.81 -6.82 -4.20
C TRP C 94 13.48 -7.36 -2.81
N SER C 95 12.25 -7.14 -2.36
CA SER C 95 11.91 -7.59 -0.99
C SER C 95 11.84 -9.13 -0.91
N GLU C 96 11.36 -9.76 -1.97
CA GLU C 96 11.37 -11.24 -1.98
C GLU C 96 12.78 -11.79 -1.98
N LEU C 97 13.71 -11.16 -2.70
CA LEU C 97 15.10 -11.63 -2.64
C LEU C 97 15.74 -11.46 -1.22
N LEU C 98 15.45 -10.34 -0.56
CA LEU C 98 15.89 -10.13 0.78
C LEU C 98 15.33 -11.19 1.74
N ILE C 99 14.07 -11.57 1.57
N ILE C 99 14.05 -11.56 1.60
CA ILE C 99 13.47 -12.56 2.44
CA ILE C 99 13.49 -12.59 2.46
C ILE C 99 13.99 -13.96 2.17
C ILE C 99 14.05 -13.97 2.18
N LEU C 100 14.10 -14.32 0.89
CA LEU C 100 14.68 -15.60 0.51
C LEU C 100 16.13 -15.72 1.06
N ASP C 101 16.94 -14.69 0.88
CA ASP C 101 18.28 -14.61 1.50
C ASP C 101 18.33 -14.84 2.99
N HIS C 102 17.46 -14.14 3.72
CA HIS C 102 17.30 -14.33 5.14
C HIS C 102 16.91 -15.75 5.49
N ILE C 103 15.94 -16.30 4.78
CA ILE C 103 15.47 -17.65 5.07
C ILE C 103 16.57 -18.72 4.83
N TYR C 104 17.27 -18.65 3.71
CA TYR C 104 18.34 -19.58 3.40
C TYR C 104 19.45 -19.48 4.50
N ARG C 105 19.79 -18.25 4.87
CA ARG C 105 20.73 -18.02 5.97
C ARG C 105 20.33 -18.78 7.26
N GLN C 106 19.04 -18.72 7.64
CA GLN C 106 18.53 -19.48 8.76
C GLN C 106 18.67 -20.99 8.58
N VAL C 107 18.26 -21.49 7.43
CA VAL C 107 18.49 -22.91 7.13
C VAL C 107 19.94 -23.35 7.31
N VAL C 108 20.89 -22.63 6.74
CA VAL C 108 22.30 -23.04 6.81
C VAL C 108 22.95 -22.73 8.16
N HIS C 109 22.71 -21.56 8.74
CA HIS C 109 23.56 -21.07 9.82
C HIS C 109 22.78 -20.89 11.07
N GLY C 110 21.47 -20.98 11.02
CA GLY C 110 20.64 -20.63 12.14
C GLY C 110 20.43 -21.81 13.04
N LYS C 111 20.03 -21.54 14.26
CA LYS C 111 19.74 -22.62 15.20
C LYS C 111 18.47 -22.20 15.86
N GLU C 112 17.93 -23.07 16.69
CA GLU C 112 16.57 -22.90 17.15
C GLU C 112 16.61 -21.91 18.29
N GLY C 113 15.53 -21.15 18.42
CA GLY C 113 15.50 -20.08 19.38
C GLY C 113 16.18 -18.77 18.99
N SER C 114 16.88 -18.70 17.85
CA SER C 114 17.46 -17.41 17.41
C SER C 114 17.54 -17.18 15.89
N ILE C 115 17.76 -15.92 15.50
CA ILE C 115 17.88 -15.45 14.12
C ILE C 115 19.35 -15.14 13.88
N PHE C 116 19.90 -15.63 12.77
CA PHE C 116 21.24 -15.33 12.36
C PHE C 116 21.27 -14.22 11.32
N LEU C 117 22.13 -13.23 11.54
CA LEU C 117 22.23 -12.08 10.67
C LEU C 117 23.35 -12.18 9.64
N VAL C 118 23.23 -11.41 8.55
CA VAL C 118 24.24 -11.49 7.51
C VAL C 118 25.62 -11.06 8.10
N THR C 119 25.58 -10.27 9.15
CA THR C 119 26.80 -9.81 9.86
C THR C 119 27.45 -10.88 10.72
N GLY C 120 26.78 -12.02 10.87
CA GLY C 120 27.31 -13.18 11.60
C GLY C 120 26.93 -13.23 13.08
N GLN C 121 26.05 -12.35 13.56
CA GLN C 121 25.51 -12.48 14.94
C GLN C 121 24.22 -13.25 15.00
N GLN C 122 23.93 -13.85 16.15
CA GLN C 122 22.67 -14.49 16.50
C GLN C 122 21.91 -13.52 17.34
N VAL C 123 20.60 -13.38 17.13
CA VAL C 123 19.73 -12.58 17.99
C VAL C 123 18.68 -13.53 18.52
N ASP C 124 18.64 -13.66 19.83
CA ASP C 124 17.73 -14.59 20.45
C ASP C 124 16.29 -14.14 20.20
N TYR C 125 15.38 -15.07 19.95
CA TYR C 125 13.94 -14.67 19.79
C TYR C 125 13.37 -13.84 20.95
N SER C 126 13.83 -14.12 22.17
CA SER C 126 13.41 -13.40 23.38
C SER C 126 13.72 -11.91 23.30
N ILE C 127 14.78 -11.54 22.60
CA ILE C 127 15.07 -10.12 22.42
C ILE C 127 14.02 -9.50 21.49
N ILE C 128 13.71 -10.22 20.41
CA ILE C 128 12.77 -9.76 19.42
C ILE C 128 11.41 -9.63 20.05
N ALA C 129 10.97 -10.66 20.76
CA ALA C 129 9.71 -10.56 21.52
C ALA C 129 9.60 -9.35 22.50
N SER C 130 10.72 -8.93 23.10
N SER C 130 10.71 -8.97 23.13
CA SER C 130 10.73 -7.82 24.07
CA SER C 130 10.71 -7.83 24.04
C SER C 130 11.04 -6.44 23.48
C SER C 130 10.80 -6.48 23.31
N GLN C 131 11.67 -6.40 22.30
CA GLN C 131 11.97 -5.14 21.67
C GLN C 131 11.12 -4.75 20.50
N ALA C 132 10.57 -5.74 19.78
CA ALA C 132 9.82 -5.46 18.57
C ALA C 132 8.34 -5.50 18.85
N GLY C 133 7.54 -4.83 18.02
CA GLY C 133 6.09 -4.91 18.10
C GLY C 133 5.53 -6.16 17.47
N ALA C 134 4.22 -6.24 17.48
CA ALA C 134 3.49 -7.42 16.99
C ALA C 134 3.69 -7.70 15.50
N THR C 135 3.71 -6.64 14.69
CA THR C 135 3.84 -6.82 13.23
C THR C 135 5.12 -7.50 12.92
N LEU C 136 6.20 -7.01 13.51
CA LEU C 136 7.50 -7.55 13.20
C LEU C 136 7.68 -8.93 13.78
N ASN C 137 7.17 -9.15 14.98
CA ASN C 137 7.18 -10.51 15.57
C ASN C 137 6.42 -11.54 14.72
N ASN C 138 5.28 -11.16 14.22
CA ASN C 138 4.50 -12.01 13.33
C ASN C 138 5.23 -12.33 12.03
N LEU C 139 5.83 -11.30 11.43
CA LEU C 139 6.68 -11.51 10.24
C LEU C 139 7.79 -12.49 10.53
N MET C 140 8.48 -12.32 11.66
CA MET C 140 9.69 -13.12 11.92
C MET C 140 9.28 -14.59 12.13
N SER C 141 8.17 -14.79 12.80
CA SER C 141 7.72 -16.15 13.10
C SER C 141 7.10 -16.84 11.87
N HIS C 142 6.45 -16.08 10.99
CA HIS C 142 6.02 -16.62 9.70
CA HIS C 142 6.03 -16.61 9.69
C HIS C 142 7.24 -17.08 8.89
N ALA C 143 8.30 -16.26 8.83
CA ALA C 143 9.51 -16.70 8.14
C ALA C 143 10.15 -17.94 8.80
N GLN C 144 10.12 -18.04 10.12
CA GLN C 144 10.62 -19.27 10.78
C GLN C 144 9.84 -20.58 10.45
N GLU C 145 8.57 -20.49 10.06
CA GLU C 145 7.83 -21.66 9.53
C GLU C 145 8.37 -22.13 8.22
N LEU C 146 8.64 -21.17 7.32
CA LEU C 146 9.30 -21.47 6.06
C LEU C 146 10.66 -22.06 6.32
N VAL C 147 11.41 -21.45 7.26
CA VAL C 147 12.75 -21.99 7.60
C VAL C 147 12.61 -23.49 8.01
N ALA C 148 11.69 -23.73 8.91
CA ALA C 148 11.44 -25.11 9.43
C ALA C 148 11.09 -26.12 8.35
N LYS C 149 10.24 -25.70 7.40
CA LYS C 149 9.84 -26.55 6.28
C LYS C 149 11.00 -26.84 5.37
N LEU C 150 11.79 -25.81 5.08
CA LEU C 150 12.93 -25.95 4.20
C LEU C 150 14.05 -26.76 4.79
N ARG C 151 14.30 -26.58 6.09
CA ARG C 151 15.19 -27.46 6.84
C ARG C 151 14.78 -28.92 6.65
N SER C 152 13.50 -29.20 6.77
CA SER C 152 13.00 -30.59 6.63
CA SER C 152 13.01 -30.59 6.66
C SER C 152 13.20 -31.15 5.26
N LEU C 153 13.14 -30.28 4.24
CA LEU C 153 13.36 -30.70 2.84
C LEU C 153 14.81 -30.82 2.41
N GLN C 154 15.75 -30.49 3.29
N GLN C 154 15.71 -30.40 3.29
CA GLN C 154 17.18 -30.52 3.00
CA GLN C 154 17.14 -30.48 3.05
C GLN C 154 17.53 -29.49 1.95
C GLN C 154 17.51 -29.50 1.95
N PHE C 155 16.94 -28.30 2.07
CA PHE C 155 17.16 -27.19 1.12
C PHE C 155 18.59 -26.82 1.13
N ASP C 156 19.21 -26.76 -0.04
CA ASP C 156 20.66 -26.62 -0.13
C ASP C 156 21.03 -25.47 -1.02
N GLN C 157 22.31 -25.20 -1.13
CA GLN C 157 22.76 -24.03 -1.86
C GLN C 157 22.41 -24.01 -3.32
N ARG C 158 22.50 -25.16 -3.96
CA ARG C 158 22.16 -25.31 -5.36
C ARG C 158 20.72 -24.95 -5.62
N GLU C 159 19.86 -25.43 -4.74
CA GLU C 159 18.42 -25.15 -4.82
C GLU C 159 18.12 -23.67 -4.50
N PHE C 160 18.86 -23.12 -3.56
CA PHE C 160 18.75 -21.67 -3.24
C PHE C 160 19.08 -20.81 -4.44
N VAL C 161 20.16 -21.13 -5.14
CA VAL C 161 20.55 -20.42 -6.33
C VAL C 161 19.46 -20.48 -7.40
N CYS C 162 18.92 -21.69 -7.61
CA CYS C 162 17.82 -21.81 -8.55
C CYS C 162 16.63 -20.88 -8.17
N LEU C 163 16.17 -20.95 -6.94
CA LEU C 163 15.02 -20.14 -6.52
C LEU C 163 15.30 -18.65 -6.65
N LYS C 164 16.53 -18.19 -6.39
CA LYS C 164 16.81 -16.77 -6.62
C LYS C 164 16.59 -16.42 -8.03
N PHE C 165 17.08 -17.24 -8.96
CA PHE C 165 16.87 -16.91 -10.34
C PHE C 165 15.41 -16.96 -10.77
N LEU C 166 14.67 -17.88 -10.19
CA LEU C 166 13.23 -17.93 -10.52
C LEU C 166 12.42 -16.79 -9.92
N VAL C 167 12.88 -16.27 -8.81
CA VAL C 167 12.28 -15.08 -8.18
C VAL C 167 12.57 -13.82 -9.02
N LEU C 168 13.84 -13.67 -9.37
CA LEU C 168 14.36 -12.56 -10.21
C LEU C 168 13.72 -12.48 -11.60
N PHE C 169 13.75 -13.57 -12.34
CA PHE C 169 13.23 -13.56 -13.70
C PHE C 169 11.75 -13.90 -13.76
N SER C 170 10.91 -12.97 -13.28
CA SER C 170 9.55 -13.27 -13.00
C SER C 170 8.73 -13.01 -14.21
N LEU C 171 7.81 -13.93 -14.55
CA LEU C 171 6.90 -13.74 -15.60
C LEU C 171 5.75 -12.83 -15.28
N ASP C 172 5.68 -12.34 -14.07
CA ASP C 172 4.59 -11.46 -13.63
C ASP C 172 4.92 -10.02 -13.89
N VAL C 173 6.06 -9.72 -14.44
CA VAL C 173 6.41 -8.34 -14.70
C VAL C 173 5.98 -8.02 -16.13
N LYS C 174 5.17 -6.98 -16.28
CA LYS C 174 4.66 -6.57 -17.61
C LYS C 174 5.55 -5.54 -18.29
N ASN C 175 5.33 -5.37 -19.59
CA ASN C 175 6.06 -4.41 -20.39
C ASN C 175 7.57 -4.64 -20.40
N LEU C 176 8.01 -5.89 -20.33
CA LEU C 176 9.39 -6.15 -20.54
C LEU C 176 9.69 -6.15 -22.02
N GLU C 177 10.80 -5.57 -22.40
CA GLU C 177 11.20 -5.57 -23.77
C GLU C 177 11.61 -6.97 -24.24
N ASN C 178 12.31 -7.74 -23.42
CA ASN C 178 12.83 -9.07 -23.77
C ASN C 178 12.18 -10.12 -22.89
N PHE C 179 10.87 -10.29 -23.04
CA PHE C 179 10.13 -11.32 -22.30
C PHE C 179 10.58 -12.73 -22.64
N GLN C 180 11.09 -12.91 -23.85
CA GLN C 180 11.60 -14.22 -24.29
C GLN C 180 12.75 -14.73 -23.44
N LEU C 181 13.65 -13.83 -23.12
CA LEU C 181 14.77 -14.12 -22.26
C LEU C 181 14.24 -14.60 -20.90
N VAL C 182 13.27 -13.87 -20.34
CA VAL C 182 12.72 -14.24 -19.08
C VAL C 182 12.06 -15.65 -19.08
N GLU C 183 11.33 -15.91 -20.15
CA GLU C 183 10.66 -17.20 -20.35
C GLU C 183 11.70 -18.29 -20.44
N GLY C 184 12.79 -18.02 -21.13
CA GLY C 184 13.90 -18.99 -21.27
C GLY C 184 14.60 -19.29 -19.98
N VAL C 185 14.78 -18.27 -19.14
CA VAL C 185 15.36 -18.52 -17.82
C VAL C 185 14.42 -19.40 -17.00
N GLN C 186 13.12 -19.08 -16.98
CA GLN C 186 12.17 -19.92 -16.21
C GLN C 186 12.25 -21.39 -16.74
N GLU C 187 12.30 -21.57 -18.05
CA GLU C 187 12.25 -22.96 -18.61
C GLU C 187 13.54 -23.66 -18.23
N GLN C 188 14.68 -22.93 -18.35
CA GLN C 188 15.97 -23.59 -18.13
C GLN C 188 16.22 -23.88 -16.69
N VAL C 189 15.86 -22.92 -15.81
CA VAL C 189 16.09 -23.11 -14.39
C VAL C 189 15.14 -24.08 -13.74
N ASN C 190 13.86 -24.05 -14.09
CA ASN C 190 12.96 -25.10 -13.62
C ASN C 190 13.44 -26.54 -14.01
N ALA C 191 13.86 -26.69 -15.27
CA ALA C 191 14.41 -27.96 -15.73
C ALA C 191 15.64 -28.41 -14.94
N ALA C 192 16.55 -27.50 -14.66
CA ALA C 192 17.75 -27.82 -13.94
C ALA C 192 17.46 -28.14 -12.53
N LEU C 193 16.52 -27.38 -11.93
CA LEU C 193 16.14 -27.65 -10.59
C LEU C 193 15.52 -29.03 -10.41
N LEU C 194 14.71 -29.42 -11.36
CA LEU C 194 14.06 -30.73 -11.27
C LEU C 194 15.11 -31.84 -11.38
N ASP C 195 16.00 -31.74 -12.35
N ASP C 195 16.01 -31.71 -12.36
CA ASP C 195 17.09 -32.71 -12.50
CA ASP C 195 17.17 -32.65 -12.59
C ASP C 195 17.88 -32.86 -11.22
C ASP C 195 18.01 -32.83 -11.33
N TYR C 196 18.32 -31.72 -10.67
CA TYR C 196 19.03 -31.69 -9.42
C TYR C 196 18.36 -32.33 -8.24
N THR C 197 17.09 -31.97 -7.94
CA THR C 197 16.42 -32.54 -6.80
C THR C 197 16.16 -34.06 -6.95
N MET C 198 15.80 -34.50 -8.14
CA MET C 198 15.59 -35.93 -8.36
C MET C 198 16.85 -36.72 -8.15
N CYS C 199 17.97 -36.20 -8.65
N CYS C 199 17.96 -36.20 -8.65
CA CYS C 199 19.27 -36.91 -8.65
CA CYS C 199 19.21 -36.91 -8.64
C CYS C 199 19.97 -36.86 -7.33
C CYS C 199 19.73 -36.96 -7.22
N ASN C 200 19.73 -35.80 -6.54
CA ASN C 200 20.43 -35.66 -5.28
C ASN C 200 19.63 -35.96 -4.07
N TYR C 201 18.30 -35.90 -4.18
CA TYR C 201 17.43 -36.17 -3.07
C TYR C 201 16.27 -37.13 -3.43
N PRO C 202 16.61 -38.33 -3.87
CA PRO C 202 15.59 -39.32 -4.36
C PRO C 202 14.60 -39.75 -3.34
N GLN C 203 14.94 -39.73 -2.05
CA GLN C 203 13.93 -40.04 -1.04
C GLN C 203 12.93 -38.95 -0.76
N GLN C 204 13.27 -37.72 -1.11
CA GLN C 204 12.34 -36.61 -0.98
C GLN C 204 11.57 -36.53 -2.29
N THR C 205 10.56 -37.36 -2.45
CA THR C 205 10.06 -37.64 -3.79
C THR C 205 9.33 -36.43 -4.42
N GLU C 206 8.76 -35.55 -3.59
CA GLU C 206 8.09 -34.36 -4.06
C GLU C 206 8.94 -33.10 -3.81
N LYS C 207 10.24 -33.24 -3.67
CA LYS C 207 11.08 -32.07 -3.28
C LYS C 207 10.95 -30.85 -4.21
N PHE C 208 11.00 -31.06 -5.51
CA PHE C 208 10.88 -29.97 -6.46
C PHE C 208 9.60 -29.15 -6.21
N GLY C 209 8.46 -29.85 -6.20
CA GLY C 209 7.25 -29.20 -6.03
C GLY C 209 7.11 -28.53 -4.66
N GLN C 210 7.65 -29.19 -3.63
N GLN C 210 7.62 -29.18 -3.61
CA GLN C 210 7.62 -28.67 -2.27
CA GLN C 210 7.51 -28.61 -2.28
C GLN C 210 8.44 -27.40 -2.12
C GLN C 210 8.45 -27.41 -2.09
N LEU C 211 9.58 -27.35 -2.80
CA LEU C 211 10.41 -26.15 -2.77
C LEU C 211 9.67 -24.98 -3.41
N LEU C 212 9.01 -25.28 -4.54
CA LEU C 212 8.37 -24.20 -5.28
C LEU C 212 7.12 -23.66 -4.54
N LEU C 213 6.44 -24.52 -3.78
CA LEU C 213 5.36 -24.06 -2.94
C LEU C 213 5.73 -22.98 -1.96
N ARG C 214 7.00 -22.85 -1.65
CA ARG C 214 7.42 -21.74 -0.76
C ARG C 214 7.50 -20.38 -1.46
N LEU C 215 7.49 -20.35 -2.81
CA LEU C 215 7.69 -19.10 -3.51
C LEU C 215 6.48 -18.13 -3.23
N PRO C 216 5.24 -18.64 -3.35
CA PRO C 216 4.09 -17.73 -3.04
C PRO C 216 4.03 -17.33 -1.61
N GLU C 217 4.57 -18.17 -0.71
CA GLU C 217 4.63 -17.88 0.72
C GLU C 217 5.67 -16.75 0.98
N ILE C 218 6.78 -16.83 0.27
CA ILE C 218 7.80 -15.75 0.28
C ILE C 218 7.24 -14.45 -0.26
N ARG C 219 6.48 -14.51 -1.35
CA ARG C 219 5.83 -13.33 -1.89
C ARG C 219 4.85 -12.68 -0.87
N ALA C 220 4.00 -13.49 -0.26
CA ALA C 220 3.08 -12.99 0.84
C ALA C 220 3.84 -12.32 2.01
N ILE C 221 4.91 -12.96 2.49
CA ILE C 221 5.70 -12.40 3.53
C ILE C 221 6.33 -11.10 3.08
N SER C 222 6.83 -11.03 1.84
N SER C 222 6.81 -11.07 1.83
CA SER C 222 7.49 -9.82 1.37
CA SER C 222 7.49 -9.94 1.28
C SER C 222 6.52 -8.66 1.29
C SER C 222 6.56 -8.71 1.24
N MET C 223 5.28 -8.94 0.89
N MET C 223 5.30 -8.95 0.88
CA MET C 223 4.26 -7.93 0.81
CA MET C 223 4.33 -7.88 0.83
C MET C 223 3.96 -7.33 2.19
C MET C 223 3.95 -7.32 2.21
N GLN C 224 3.82 -8.21 3.18
CA GLN C 224 3.67 -7.81 4.61
C GLN C 224 4.85 -7.03 5.11
N ALA C 225 6.06 -7.46 4.72
CA ALA C 225 7.27 -6.77 5.10
C ALA C 225 7.36 -5.38 4.47
N GLU C 226 6.91 -5.23 3.24
CA GLU C 226 6.91 -3.91 2.58
C GLU C 226 5.93 -2.96 3.29
N GLU C 227 4.80 -3.51 3.69
CA GLU C 227 3.75 -2.74 4.45
C GLU C 227 4.28 -2.20 5.78
N TYR C 228 4.97 -3.07 6.49
CA TYR C 228 5.73 -2.68 7.65
C TYR C 228 6.75 -1.58 7.39
N LEU C 229 7.60 -1.77 6.37
N LEU C 229 7.60 -1.77 6.38
CA LEU C 229 8.63 -0.81 6.06
CA LEU C 229 8.60 -0.80 6.03
C LEU C 229 8.04 0.54 5.63
C LEU C 229 8.02 0.55 5.66
N TYR C 230 6.93 0.51 4.90
CA TYR C 230 6.27 1.76 4.47
C TYR C 230 5.83 2.52 5.77
N TYR C 231 5.27 1.83 6.71
CA TYR C 231 4.81 2.48 7.94
C TYR C 231 6.00 3.14 8.62
N LYS C 232 7.11 2.40 8.71
CA LYS C 232 8.32 2.96 9.33
C LYS C 232 8.86 4.17 8.56
N HIS C 233 8.80 4.10 7.24
CA HIS C 233 9.24 5.17 6.36
C HIS C 233 8.37 6.42 6.49
N LEU C 234 7.07 6.21 6.64
CA LEU C 234 6.13 7.35 6.83
C LEU C 234 6.27 7.95 8.23
N ASN C 235 6.93 7.26 9.14
CA ASN C 235 7.27 7.84 10.45
C ASN C 235 8.69 8.45 10.52
N GLY C 236 9.42 8.46 9.41
CA GLY C 236 10.74 9.04 9.35
C GLY C 236 11.92 8.12 9.77
N ASP C 237 11.64 6.86 10.03
CA ASP C 237 12.62 5.98 10.70
C ASP C 237 13.54 5.23 9.76
N VAL C 238 13.21 5.15 8.49
CA VAL C 238 14.10 4.40 7.57
C VAL C 238 15.18 5.37 7.05
N PRO C 239 16.48 5.04 7.20
CA PRO C 239 17.57 5.89 6.69
C PRO C 239 17.50 5.97 5.21
N TYR C 240 17.96 7.07 4.69
CA TYR C 240 17.82 7.34 3.25
C TYR C 240 19.19 7.47 2.57
N ASN C 241 19.22 8.01 1.34
CA ASN C 241 20.39 8.06 0.47
C ASN C 241 20.85 6.64 0.18
N ASN C 242 19.88 5.74 -0.05
CA ASN C 242 20.29 4.37 -0.27
C ASN C 242 19.34 3.66 -1.23
N LEU C 243 19.52 2.35 -1.34
CA LEU C 243 18.75 1.55 -2.26
C LEU C 243 17.42 1.18 -1.73
N LEU C 244 17.38 0.84 -0.46
CA LEU C 244 16.17 0.50 0.22
C LEU C 244 15.05 1.55 0.03
N ILE C 245 15.38 2.81 0.27
CA ILE C 245 14.39 3.92 0.05
C ILE C 245 13.97 4.03 -1.42
N GLU C 246 14.92 3.82 -2.32
CA GLU C 246 14.64 3.85 -3.74
C GLU C 246 13.72 2.79 -4.16
N MET C 247 13.90 1.59 -3.64
CA MET C 247 12.94 0.53 -3.94
C MET C 247 11.51 0.83 -3.41
N LEU C 248 11.36 1.49 -2.28
CA LEU C 248 10.02 1.80 -1.79
C LEU C 248 9.41 2.84 -2.67
N HIS C 249 10.23 3.64 -3.34
CA HIS C 249 9.71 4.69 -4.22
C HIS C 249 9.48 4.21 -5.65
N ALA C 250 9.70 2.93 -5.88
CA ALA C 250 9.65 2.44 -7.21
C ALA C 250 8.20 2.31 -7.72
N LYS C 251 8.06 2.14 -9.03
CA LYS C 251 6.77 2.02 -9.70
C LYS C 251 6.64 0.62 -10.30
N ARG C 252 5.42 0.07 -10.33
CA ARG C 252 5.18 -1.15 -11.10
C ARG C 252 4.82 -0.69 -12.51
N ALA C 253 5.47 -1.21 -13.56
CA ALA C 253 5.09 -0.82 -14.95
C ALA C 253 3.90 -1.62 -15.53
N PRO D 7 15.42 5.30 -10.86
CA PRO D 7 16.17 5.33 -9.60
C PRO D 7 17.67 5.56 -9.85
N ALA D 8 18.20 6.69 -9.38
CA ALA D 8 19.59 7.12 -9.60
C ALA D 8 20.63 6.16 -9.00
N ILE D 9 20.44 5.74 -7.74
CA ILE D 9 21.39 4.78 -7.16
C ILE D 9 21.43 3.46 -7.94
N LEU D 10 20.26 2.83 -8.09
CA LEU D 10 20.18 1.59 -8.81
C LEU D 10 20.69 1.74 -10.27
N TYR D 11 20.28 2.80 -10.97
CA TYR D 11 20.75 3.04 -12.34
C TYR D 11 22.29 3.20 -12.42
N ALA D 12 22.88 3.96 -11.48
CA ALA D 12 24.35 4.08 -11.34
C ALA D 12 24.99 2.71 -11.16
N LEU D 13 24.49 1.87 -10.24
CA LEU D 13 25.09 0.54 -10.09
C LEU D 13 24.95 -0.28 -11.38
N LEU D 14 23.75 -0.28 -11.96
CA LEU D 14 23.51 -1.06 -13.17
C LEU D 14 24.32 -0.54 -14.39
N SER D 15 24.66 0.76 -14.41
CA SER D 15 25.29 1.38 -15.59
C SER D 15 26.81 1.44 -15.55
N SER D 16 27.39 0.99 -14.45
CA SER D 16 28.85 0.93 -14.33
C SER D 16 29.36 -0.43 -14.78
C1 EPH E . -35.59 18.12 -3.20
C2 EPH E . -35.23 17.86 -1.75
C4 EPH E . -35.20 17.03 -5.35
O2 EPH E . -35.21 16.95 -3.90
O4 EPH E . -34.49 17.86 -5.91
C18 EPH E . -36.02 16.04 -6.12
C19 EPH E . -35.10 14.89 -6.43
C20 EPH E . -34.27 14.46 -5.22
C21 EPH E . -32.81 14.16 -5.57
C22 EPH E . -31.80 15.05 -4.84
C23 EPH E . -30.58 14.22 -4.52
C24 EPH E . -29.34 14.96 -4.07
C25 EPH E . -28.36 14.14 -3.61
C26 EPH E . -27.01 14.62 -3.11
C27 EPH E . -26.06 13.43 -2.98
C28 EPH E . -25.27 13.34 -1.70
C29 EPH E . -23.94 13.20 -1.72
C30 EPH E . -23.16 13.08 -0.42
C31 EPH E . -22.56 14.40 0.03
C32 EPH E . -22.64 14.63 1.54
C33 EPH E . -22.18 15.79 2.08
C34 EPH E . -22.22 16.13 3.56
C37 EPH E . -35.55 19.10 -0.91
O5 EPH E . -34.88 20.28 -1.41
C3 EPH E . -33.23 16.54 -1.03
O1 EPH E . -33.85 17.55 -1.86
O3 EPH E . -33.84 15.58 -0.68
C5 EPH E . -31.79 16.72 -0.61
C6 EPH E . -30.99 15.48 -0.52
C7 EPH E . -29.60 15.80 -0.03
C8 EPH E . -29.38 15.28 1.38
C9 EPH E . -28.16 14.38 1.45
C10 EPH E . -27.63 14.27 2.88
C11 EPH E . -26.28 14.97 3.02
C12 EPH E . -26.49 16.39 2.59
C13 EPH E . -25.64 16.95 1.76
C14 EPH E . -25.88 18.32 1.23
C15 EPH E . -25.80 18.18 -0.26
C16 EPH E . -24.59 18.17 -0.80
C17 EPH E . -24.44 18.04 -2.26
C35 EPH E . -23.08 18.48 -2.76
C36 EPH E . -22.55 17.47 -3.73
P1 EPH E . -34.50 21.45 -0.40
O6 EPH E . -33.81 20.88 0.81
O7 EPH E . -33.93 22.55 -1.25
O8 EPH E . -35.98 21.94 0.01
C38 EPH E . -36.41 23.30 -0.19
C39 EPH E . -37.92 23.29 -0.48
N1 EPH E . -38.56 22.38 0.46
C1 GOL F . -35.40 2.91 -1.85
O1 GOL F . -36.74 2.54 -2.19
C2 GOL F . -34.68 3.67 -2.98
O2 GOL F . -35.55 4.07 -4.01
C3 GOL F . -34.07 4.94 -2.42
O3 GOL F . -33.39 5.67 -3.44
C1 GOL G . -5.53 18.67 2.15
O1 GOL G . -4.25 19.22 2.34
C2 GOL G . -6.30 18.47 3.46
O2 GOL G . -5.52 17.68 4.34
C3 GOL G . -6.56 19.85 4.10
O3 GOL G . -7.21 19.68 5.35
C1 GOL H . -25.94 -2.33 6.90
O1 GOL H . -26.71 -3.36 7.54
C2 GOL H . -24.75 -2.04 7.81
O2 GOL H . -23.75 -3.08 7.73
C3 GOL H . -24.10 -0.74 7.38
O3 GOL H . -22.73 -0.87 7.72
C1 P6L I . 9.65 -0.12 16.94
C2 P6L I . 9.54 0.44 18.35
O3 P6L I . 8.29 0.07 19.00
O4 P6L I . 13.95 -2.86 15.52
C5 P6L I . 12.95 -3.37 16.32
C6 P6L I . 13.44 -3.92 17.64
C7 P6L I . 12.05 -2.22 16.47
O8 P6L I . 14.58 -4.69 17.25
O9 P6L I . 10.85 -2.96 16.28
O10 P6L I . 8.55 -3.53 15.92
P11 P6L I . 9.53 -2.41 15.67
O12 P6L I . 9.08 -1.38 16.85
O13 P6L I . 9.87 -1.84 14.24
C14 P6L I . 14.32 -3.66 14.35
O15 P6L I . 15.28 -3.31 13.75
C16 P6L I . 14.71 -5.99 17.86
O17 P6L I . 13.76 -6.74 17.96
C18 P6L I . 13.76 -4.91 13.86
C19 P6L I . 13.39 -4.81 12.41
C20 P6L I . 14.55 -4.60 11.50
C21 P6L I . 14.24 -5.19 10.13
C22 P6L I . 15.06 -4.33 9.21
C23 P6L I . 14.95 -4.29 7.88
C24 P6L I . 14.04 -5.17 7.06
C25 P6L I . 12.63 -4.60 6.92
C26 P6L I . 11.58 -5.69 6.72
C27 P6L I . 16.08 -6.29 18.31
C28 P6L I . 16.67 -7.23 17.30
C29 P6L I . 16.85 -6.74 15.89
C30 P6L I . 16.12 -7.77 15.05
C31 P6L I . 16.55 -7.85 13.62
C32 P6L I . 15.96 -9.16 13.09
C33 P6L I . 15.48 -8.99 11.67
C34 P6L I . 16.24 -9.40 10.63
C35 P6L I . 15.74 -9.26 9.21
C36 P6L I . 16.82 -8.77 8.25
C37 P6L I . 11.33 -6.56 7.95
C38 P6L I . 16.86 -9.62 7.00
C39 P6L I . 15.58 -9.66 6.15
C40 P6L I . 15.39 -8.43 5.30
C41 P6L I . 13.90 -8.16 5.12
C42 P6L I . 13.52 -7.08 4.08
C43 P6L I . 12.18 -7.34 3.40
C44 P6L I . 11.51 -6.12 2.81
C45 P6L I . 10.84 -7.95 7.58
C46 P6L I . 11.28 -8.99 8.60
C47 P6L I . 10.53 -10.30 8.40
C48 P6L I . 11.27 -11.34 7.58
C49 P6L I . 12.18 -12.16 8.45
C50 P6L I . 9.69 1.92 18.06
O51 P6L I . 9.52 2.64 19.27
O1 PG4 J . 28.01 -1.61 14.56
C1 PG4 J . 28.99 -2.35 15.28
C2 PG4 J . 28.36 -3.62 15.81
O2 PG4 J . 27.84 -4.54 14.82
C3 PG4 J . 26.44 -4.39 14.46
C4 PG4 J . 25.52 -4.95 15.54
O3 PG4 J . 24.16 -4.55 15.36
C5 PG4 J . 23.34 -4.65 16.53
C6 PG4 J . 22.89 -6.10 16.77
O4 PG4 J . 22.34 -6.25 18.10
C7 PG4 J . 20.92 -6.43 18.15
C8 PG4 J . 20.56 -6.88 19.58
O5 PG4 J . 19.84 -5.85 20.28
#